data_3JYA
#
_entry.id   3JYA
#
_cell.length_a   96.764
_cell.length_b   96.764
_cell.length_c   80.794
_cell.angle_alpha   90.00
_cell.angle_beta   90.00
_cell.angle_gamma   120.00
#
_symmetry.space_group_name_H-M   'P 65'
#
loop_
_entity.id
_entity.type
_entity.pdbx_description
1 polymer 'Proto-oncogene serine/threonine-protein kinase Pim-1'
2 non-polymer 6,9-dichloro[1]benzothieno[3,2-d]pyrimidin-4(3H)-one
#
_entity_poly.entity_id   1
_entity_poly.type   'polypeptide(L)'
_entity_poly.pdbx_seq_one_letter_code
;MKEKEPLESQYQVGPLLGSGGFGSVYSGIRVSDNLPVAIKHVEKDRISDWGELPNGTRVPMEVVLLKKVSSGFSGVIRLL
DWFERPDSFVLILERPEPVQDLFDFITERGALQEELARSFFWQVLEAVRHCHNCGVLHRDIKDENILIDLNRGELKLIDF
GSGALLKDTVYTDFDGTRVYSPPEWIRYHRYHGRSAAVWSLGILLYDMVCGDIPFEHDEEIIRGQVFFRQRVSSECQHLI
RWCLALRPSDRPTFEEIQNHPWMQDVLLPQETAEIHLHSLSPGPSKVDHHHHHH
;
_entity_poly.pdbx_strand_id   A
#
loop_
_chem_comp.id
_chem_comp.type
_chem_comp.name
_chem_comp.formula
LWG non-polymer 6,9-dichloro[1]benzothieno[3,2-d]pyrimidin-4(3H)-one 'C10 H4 Cl2 N2 O S'
#
# COMPACT_ATOMS: atom_id res chain seq x y z
N PRO A 6 23.92 -5.94 19.91
CA PRO A 6 23.48 -5.12 18.78
C PRO A 6 24.51 -5.09 17.64
N LEU A 7 24.10 -4.56 16.48
CA LEU A 7 24.94 -4.45 15.27
C LEU A 7 24.69 -5.58 14.29
N GLU A 8 24.84 -5.30 12.99
CA GLU A 8 24.63 -6.30 11.91
C GLU A 8 25.67 -7.45 11.91
N SER A 9 25.83 -8.03 13.09
CA SER A 9 26.27 -9.40 13.25
C SER A 9 25.01 -10.25 13.41
N GLN A 10 23.87 -9.57 13.62
CA GLN A 10 22.57 -10.22 13.84
C GLN A 10 21.95 -10.75 12.54
N TYR A 11 22.34 -10.18 11.41
CA TYR A 11 21.71 -10.49 10.13
C TYR A 11 22.73 -10.85 9.05
N GLN A 12 22.38 -11.88 8.27
CA GLN A 12 23.08 -12.20 7.02
C GLN A 12 22.37 -11.50 5.87
N VAL A 13 23.15 -10.83 5.02
CA VAL A 13 22.56 -10.05 3.94
C VAL A 13 22.62 -10.82 2.63
N GLY A 14 21.49 -10.82 1.92
CA GLY A 14 21.38 -11.43 0.60
C GLY A 14 21.30 -10.39 -0.50
N PRO A 15 20.61 -10.75 -1.61
CA PRO A 15 20.49 -9.90 -2.81
C PRO A 15 19.70 -8.64 -2.54
N LEU A 16 19.98 -7.60 -3.31
CA LEU A 16 19.14 -6.42 -3.37
C LEU A 16 17.80 -6.84 -3.94
N LEU A 17 16.72 -6.55 -3.21
CA LEU A 17 15.38 -6.89 -3.67
C LEU A 17 14.76 -5.75 -4.44
N GLY A 18 15.04 -4.52 -4.06
CA GLY A 18 14.55 -3.36 -4.79
C GLY A 18 15.20 -2.06 -4.34
N SER A 19 15.06 -1.04 -5.15
CA SER A 19 15.47 0.28 -4.75
C SER A 19 14.64 1.32 -5.47
N GLY A 20 14.50 2.48 -4.85
CA GLY A 20 13.66 3.52 -5.42
C GLY A 20 13.46 4.64 -4.43
N GLY A 21 12.31 5.32 -4.55
CA GLY A 21 11.97 6.41 -3.64
C GLY A 21 12.03 6.00 -2.18
N PHE A 22 11.81 4.72 -1.93
CA PHE A 22 11.79 4.16 -0.55
C PHE A 22 13.15 3.88 0.07
N GLY A 23 14.22 3.96 -0.73
CA GLY A 23 15.54 3.53 -0.26
C GLY A 23 15.98 2.27 -1.01
N SER A 24 16.75 1.41 -0.33
CA SER A 24 17.25 0.15 -0.90
C SER A 24 16.90 -0.98 0.04
N VAL A 25 16.28 -2.03 -0.50
CA VAL A 25 15.81 -3.16 0.29
C VAL A 25 16.56 -4.42 -0.13
N TYR A 26 17.14 -5.11 0.86
CA TYR A 26 17.87 -6.35 0.67
C TYR A 26 17.18 -7.53 1.34
N SER A 27 17.35 -8.70 0.76
CA SER A 27 16.94 -9.94 1.39
C SER A 27 17.89 -10.22 2.53
N GLY A 28 17.36 -10.77 3.61
CA GLY A 28 18.12 -10.96 4.83
C GLY A 28 17.62 -12.15 5.59
N ILE A 29 18.45 -12.63 6.51
CA ILE A 29 18.15 -13.79 7.33
C ILE A 29 18.60 -13.43 8.73
N ARG A 30 17.67 -13.50 9.69
CA ARG A 30 18.04 -13.30 11.09
C ARG A 30 18.88 -14.50 11.57
N VAL A 31 20.14 -14.24 11.91
CA VAL A 31 21.09 -15.30 12.27
C VAL A 31 20.57 -16.08 13.49
N SER A 32 20.09 -15.33 14.47
CA SER A 32 19.43 -15.85 15.68
C SER A 32 18.53 -17.07 15.46
N ASP A 33 17.63 -17.01 14.48
CA ASP A 33 16.64 -18.07 14.28
C ASP A 33 16.34 -18.41 12.82
N ASN A 34 17.16 -17.90 11.90
CA ASN A 34 16.93 -18.05 10.46
C ASN A 34 15.60 -17.49 9.96
N LEU A 35 15.05 -16.50 10.66
CA LEU A 35 13.84 -15.82 10.19
C LEU A 35 14.17 -15.04 8.92
N PRO A 36 13.37 -15.24 7.86
CA PRO A 36 13.59 -14.43 6.66
C PRO A 36 13.14 -13.00 6.93
N VAL A 37 13.96 -12.03 6.52
CA VAL A 37 13.68 -10.62 6.75
C VAL A 37 14.06 -9.82 5.52
N ALA A 38 13.51 -8.61 5.43
CA ALA A 38 13.92 -7.62 4.44
C ALA A 38 14.67 -6.55 5.21
N ILE A 39 15.76 -6.06 4.62
CA ILE A 39 16.61 -5.06 5.25
C ILE A 39 16.61 -3.78 4.41
N LYS A 40 16.01 -2.73 4.97
CA LYS A 40 15.75 -1.51 4.24
C LYS A 40 16.61 -0.34 4.74
N HIS A 41 17.32 0.27 3.80
CA HIS A 41 18.23 1.37 4.09
C HIS A 41 17.64 2.65 3.55
N VAL A 42 17.58 3.66 4.42
CA VAL A 42 17.07 4.97 4.04
C VAL A 42 18.11 6.02 4.45
N GLU A 43 18.55 6.85 3.48
CA GLU A 43 19.53 7.91 3.76
C GLU A 43 18.86 9.05 4.54
N LYS A 44 19.56 9.56 5.55
CA LYS A 44 19.02 10.64 6.38
C LYS A 44 18.61 11.88 5.57
N ASP A 45 19.41 12.25 4.57
CA ASP A 45 19.18 13.43 3.75
C ASP A 45 17.99 13.31 2.81
N ARG A 46 17.57 12.07 2.55
CA ARG A 46 16.39 11.76 1.76
C ARG A 46 15.13 11.62 2.62
N ILE A 47 15.27 11.87 3.92
CA ILE A 47 14.14 11.89 4.86
C ILE A 47 13.77 13.34 5.13
N SER A 48 12.51 13.67 4.89
CA SER A 48 12.01 15.03 5.14
C SER A 48 11.14 15.09 6.39
N ASP A 49 10.37 14.02 6.62
CA ASP A 49 9.41 13.95 7.72
C ASP A 49 9.99 13.14 8.89
N TRP A 50 10.11 13.81 10.03
CA TRP A 50 10.67 13.20 11.24
C TRP A 50 9.64 13.25 12.34
N GLY A 51 9.61 12.21 13.15
CA GLY A 51 8.76 12.17 14.32
C GLY A 51 9.58 11.79 15.53
N GLU A 52 8.91 11.52 16.65
CA GLU A 52 9.58 10.95 17.82
C GLU A 52 8.72 9.87 18.46
N LEU A 53 9.39 8.92 19.12
CA LEU A 53 8.75 7.68 19.56
C LEU A 53 7.93 7.88 20.83
N PRO A 54 7.12 6.86 21.22
CA PRO A 54 6.54 6.87 22.57
C PRO A 54 7.64 7.12 23.61
N ASN A 55 8.85 6.66 23.30
CA ASN A 55 10.05 6.97 24.07
C ASN A 55 10.45 8.46 23.96
N GLY A 56 10.53 8.97 22.73
CA GLY A 56 10.86 10.38 22.48
C GLY A 56 12.23 10.63 21.88
N THR A 57 12.53 9.95 20.77
CA THR A 57 13.81 10.11 20.06
C THR A 57 13.56 10.47 18.58
N ARG A 58 14.45 11.28 18.01
CA ARG A 58 14.32 11.72 16.61
C ARG A 58 14.45 10.54 15.63
N VAL A 59 13.31 10.05 15.15
CA VAL A 59 13.26 8.96 14.16
C VAL A 59 12.49 9.40 12.92
N PRO A 60 12.69 8.71 11.77
CA PRO A 60 11.84 9.03 10.62
C PRO A 60 10.37 8.74 10.93
N MET A 61 9.47 9.55 10.37
CA MET A 61 8.04 9.30 10.49
C MET A 61 7.70 7.87 10.10
N GLU A 62 8.41 7.32 9.11
CA GLU A 62 8.16 5.95 8.65
C GLU A 62 8.25 4.93 9.79
N VAL A 63 9.26 5.09 10.66
CA VAL A 63 9.41 4.26 11.86
C VAL A 63 8.25 4.49 12.86
N VAL A 64 7.88 5.74 13.13
CA VAL A 64 6.69 6.06 13.96
C VAL A 64 5.44 5.36 13.44
N LEU A 65 5.19 5.49 12.15
CA LEU A 65 4.02 4.91 11.52
C LEU A 65 4.04 3.39 11.53
N LEU A 66 5.17 2.78 11.16
CA LEU A 66 5.26 1.31 11.17
C LEU A 66 5.09 0.72 12.58
N LYS A 67 5.64 1.39 13.59
CA LYS A 67 5.48 0.93 14.97
C LYS A 67 4.00 0.88 15.36
N LYS A 68 3.26 1.93 14.98
CA LYS A 68 1.83 2.03 15.27
C LYS A 68 0.98 0.95 14.60
N VAL A 69 1.41 0.46 13.44
CA VAL A 69 0.65 -0.57 12.69
C VAL A 69 1.19 -2.00 12.81
N SER A 70 2.33 -2.16 13.47
CA SER A 70 2.93 -3.48 13.62
C SER A 70 2.36 -4.21 14.84
N SER A 71 2.09 -5.51 14.68
CA SER A 71 1.35 -6.33 15.67
C SER A 71 0.59 -7.50 14.99
N GLY A 72 -0.54 -7.91 15.55
CA GLY A 72 -1.23 -9.14 15.14
C GLY A 72 -1.57 -9.30 13.66
N PHE A 73 -2.10 -8.23 13.06
CA PHE A 73 -2.60 -8.28 11.69
C PHE A 73 -1.51 -8.47 10.66
N SER A 74 -1.76 -9.35 9.69
CA SER A 74 -0.78 -9.66 8.66
C SER A 74 -1.04 -8.92 7.35
N GLY A 75 -1.80 -7.82 7.40
CA GLY A 75 -2.06 -7.00 6.21
C GLY A 75 -0.97 -5.98 5.90
N VAL A 76 -0.09 -5.75 6.87
CA VAL A 76 1.04 -4.84 6.70
C VAL A 76 2.34 -5.60 6.94
N ILE A 77 3.39 -5.26 6.19
CA ILE A 77 4.71 -5.86 6.45
C ILE A 77 5.22 -5.21 7.75
N ARG A 78 5.39 -6.02 8.77
CA ARG A 78 5.69 -5.55 10.13
C ARG A 78 7.16 -5.19 10.36
N LEU A 79 7.35 -4.12 11.12
CA LEU A 79 8.67 -3.66 11.54
C LEU A 79 9.13 -4.50 12.73
N LEU A 80 10.25 -5.22 12.54
CA LEU A 80 10.75 -6.11 13.59
C LEU A 80 11.78 -5.42 14.47
N ASP A 81 12.49 -4.46 13.89
CA ASP A 81 13.60 -3.75 14.57
C ASP A 81 14.07 -2.62 13.67
N TRP A 82 14.81 -1.68 14.25
CA TRP A 82 15.48 -0.64 13.48
C TRP A 82 16.83 -0.27 14.08
N PHE A 83 17.71 0.28 13.25
CA PHE A 83 19.05 0.74 13.65
C PHE A 83 19.31 2.12 13.08
N GLU A 84 20.02 2.94 13.84
CA GLU A 84 20.52 4.21 13.33
C GLU A 84 21.98 4.07 12.91
N ARG A 85 22.34 4.68 11.80
CA ARG A 85 23.73 4.74 11.38
C ARG A 85 24.04 6.21 11.23
N PRO A 86 25.34 6.58 11.09
CA PRO A 86 25.69 8.01 10.94
C PRO A 86 24.93 8.75 9.84
N ASP A 87 24.76 8.10 8.68
CA ASP A 87 24.20 8.75 7.49
C ASP A 87 22.84 8.18 7.04
N SER A 88 22.35 7.19 7.79
CA SER A 88 21.18 6.44 7.37
C SER A 88 20.45 5.75 8.53
N PHE A 89 19.21 5.31 8.27
CA PHE A 89 18.50 4.38 9.14
C PHE A 89 18.30 3.05 8.43
N VAL A 90 18.33 1.98 9.22
CA VAL A 90 18.17 0.63 8.71
C VAL A 90 16.97 0.01 9.43
N LEU A 91 16.05 -0.55 8.65
CA LEU A 91 14.81 -1.11 9.16
C LEU A 91 14.78 -2.58 8.82
N ILE A 92 14.41 -3.40 9.80
CA ILE A 92 14.28 -4.84 9.61
C ILE A 92 12.79 -5.15 9.55
N LEU A 93 12.37 -5.75 8.45
CA LEU A 93 10.95 -6.02 8.19
C LEU A 93 10.72 -7.48 7.92
N GLU A 94 9.53 -8.02 8.22
CA GLU A 94 9.23 -9.41 7.88
C GLU A 94 9.30 -9.63 6.37
N ARG A 95 9.69 -10.81 5.96
CA ARG A 95 9.72 -11.15 4.55
C ARG A 95 9.03 -12.49 4.32
N PRO A 96 7.80 -12.45 3.74
CA PRO A 96 7.09 -13.64 3.27
C PRO A 96 7.88 -14.27 2.13
N GLU A 97 7.78 -15.58 1.99
CA GLU A 97 8.48 -16.32 0.92
C GLU A 97 7.66 -17.51 0.41
N PRO A 98 7.42 -17.60 -0.92
CA PRO A 98 7.85 -16.60 -1.90
C PRO A 98 6.91 -15.39 -1.95
N VAL A 99 7.40 -14.30 -2.54
CA VAL A 99 6.67 -13.05 -2.56
C VAL A 99 6.81 -12.36 -3.93
N GLN A 100 5.75 -11.73 -4.40
CA GLN A 100 5.84 -10.87 -5.59
C GLN A 100 5.01 -9.61 -5.35
N ASP A 101 5.51 -8.45 -5.77
CA ASP A 101 4.71 -7.23 -5.67
C ASP A 101 3.62 -7.24 -6.73
N LEU A 102 2.53 -6.55 -6.44
CA LEU A 102 1.36 -6.57 -7.30
C LEU A 102 1.60 -5.93 -8.67
N PHE A 103 2.42 -4.90 -8.72
CA PHE A 103 2.81 -4.30 -10.00
C PHE A 103 3.43 -5.36 -10.94
N ASP A 104 4.36 -6.13 -10.41
CA ASP A 104 4.99 -7.21 -11.18
C ASP A 104 4.01 -8.32 -11.54
N PHE A 105 3.11 -8.63 -10.60
CA PHE A 105 2.08 -9.65 -10.82
C PHE A 105 1.15 -9.26 -11.95
N ILE A 106 0.76 -7.98 -11.97
CA ILE A 106 -0.08 -7.44 -13.05
C ILE A 106 0.70 -7.35 -14.36
N THR A 107 1.98 -6.99 -14.28
CA THR A 107 2.85 -6.99 -15.47
C THR A 107 2.86 -8.37 -16.12
N GLU A 108 3.13 -9.39 -15.31
CA GLU A 108 3.18 -10.79 -15.76
C GLU A 108 1.85 -11.34 -16.25
N ARG A 109 0.76 -10.98 -15.59
CA ARG A 109 -0.50 -11.64 -15.89
C ARG A 109 -1.55 -10.81 -16.61
N GLY A 110 -1.33 -9.50 -16.71
CA GLY A 110 -2.29 -8.58 -17.32
C GLY A 110 -3.47 -8.33 -16.40
N ALA A 111 -4.55 -7.81 -16.96
CA ALA A 111 -5.82 -7.63 -16.24
C ALA A 111 -6.20 -8.87 -15.44
N LEU A 112 -6.58 -8.66 -14.18
CA LEU A 112 -6.94 -9.76 -13.29
C LEU A 112 -8.40 -10.12 -13.43
N GLN A 113 -8.70 -11.42 -13.42
CA GLN A 113 -10.08 -11.92 -13.29
C GLN A 113 -10.75 -11.26 -12.08
N GLU A 114 -12.05 -11.02 -12.19
CA GLU A 114 -12.74 -10.25 -11.15
C GLU A 114 -12.75 -10.95 -9.78
N GLU A 115 -12.88 -12.27 -9.77
CA GLU A 115 -12.82 -13.04 -8.55
C GLU A 115 -11.50 -12.81 -7.80
N LEU A 116 -10.40 -12.74 -8.56
CA LEU A 116 -9.09 -12.51 -7.98
C LEU A 116 -8.89 -11.07 -7.53
N ALA A 117 -9.26 -10.12 -8.39
CA ALA A 117 -9.25 -8.71 -8.02
C ALA A 117 -10.08 -8.43 -6.76
N ARG A 118 -11.22 -9.11 -6.62
CA ARG A 118 -12.11 -8.95 -5.46
C ARG A 118 -11.43 -9.33 -4.14
N SER A 119 -10.87 -10.54 -4.09
CA SER A 119 -10.06 -11.03 -2.97
C SER A 119 -8.86 -10.13 -2.68
N PHE A 120 -8.12 -9.74 -3.71
CA PHE A 120 -7.00 -8.79 -3.55
C PHE A 120 -7.48 -7.42 -3.02
N PHE A 121 -8.48 -6.84 -3.68
CA PHE A 121 -9.01 -5.54 -3.27
C PHE A 121 -9.56 -5.56 -1.82
N TRP A 122 -10.29 -6.62 -1.46
CA TRP A 122 -10.81 -6.81 -0.09
C TRP A 122 -9.71 -6.76 0.97
N GLN A 123 -8.62 -7.50 0.74
CA GLN A 123 -7.49 -7.55 1.65
C GLN A 123 -6.77 -6.22 1.78
N VAL A 124 -6.65 -5.49 0.68
CA VAL A 124 -6.15 -4.12 0.72
C VAL A 124 -7.03 -3.24 1.61
N LEU A 125 -8.35 -3.30 1.41
CA LEU A 125 -9.30 -2.54 2.25
C LEU A 125 -9.15 -2.86 3.73
N GLU A 126 -9.03 -4.14 4.08
CA GLU A 126 -8.78 -4.56 5.48
C GLU A 126 -7.47 -4.01 6.03
N ALA A 127 -6.44 -4.03 5.20
CA ALA A 127 -5.12 -3.48 5.55
C ALA A 127 -5.15 -1.98 5.79
N VAL A 128 -5.81 -1.25 4.88
CA VAL A 128 -5.93 0.20 5.01
C VAL A 128 -6.80 0.59 6.21
N ARG A 129 -7.88 -0.16 6.44
CA ARG A 129 -8.73 0.02 7.64
C ARG A 129 -7.90 -0.16 8.91
N HIS A 130 -7.11 -1.25 8.97
CA HIS A 130 -6.18 -1.46 10.08
C HIS A 130 -5.25 -0.25 10.29
N CYS A 131 -4.63 0.27 9.22
CA CYS A 131 -3.77 1.44 9.38
C CYS A 131 -4.54 2.62 10.00
N HIS A 132 -5.71 2.95 9.43
CA HIS A 132 -6.51 4.08 9.89
C HIS A 132 -6.97 3.93 11.36
N ASN A 133 -7.44 2.74 11.73
CA ASN A 133 -7.73 2.37 13.14
C ASN A 133 -6.57 2.59 14.10
N CYS A 134 -5.36 2.36 13.60
CA CYS A 134 -4.10 2.59 14.32
C CYS A 134 -3.63 4.05 14.29
N GLY A 135 -4.38 4.90 13.59
CA GLY A 135 -4.10 6.33 13.50
C GLY A 135 -3.06 6.67 12.45
N VAL A 136 -2.92 5.81 11.44
CA VAL A 136 -1.90 5.96 10.37
C VAL A 136 -2.55 6.13 8.98
N LEU A 137 -2.18 7.19 8.28
CA LEU A 137 -2.55 7.38 6.87
C LEU A 137 -1.37 7.01 5.94
N HIS A 138 -1.59 6.07 5.02
CA HIS A 138 -0.51 5.57 4.18
C HIS A 138 -0.04 6.60 3.13
N ARG A 139 -1.02 7.19 2.45
CA ARG A 139 -0.84 8.21 1.39
C ARG A 139 -0.12 7.79 0.10
N ASP A 140 0.10 6.49 -0.08
CA ASP A 140 0.74 6.04 -1.33
C ASP A 140 0.31 4.61 -1.68
N ILE A 141 -0.98 4.35 -1.53
CA ILE A 141 -1.59 3.06 -1.87
C ILE A 141 -1.49 2.91 -3.38
N LYS A 142 -0.83 1.84 -3.84
CA LYS A 142 -0.71 1.55 -5.29
C LYS A 142 -0.15 0.15 -5.43
N ASP A 143 -0.17 -0.40 -6.65
CA ASP A 143 0.24 -1.79 -6.86
C ASP A 143 1.71 -2.06 -6.45
N GLU A 144 2.58 -1.08 -6.66
CA GLU A 144 4.00 -1.17 -6.31
C GLU A 144 4.23 -1.29 -4.79
N ASN A 145 3.24 -0.88 -4.01
CA ASN A 145 3.35 -0.89 -2.55
C ASN A 145 2.52 -1.99 -1.90
N ILE A 146 2.22 -3.02 -2.68
CA ILE A 146 1.50 -4.17 -2.16
C ILE A 146 2.28 -5.43 -2.56
N LEU A 147 2.62 -6.25 -1.55
CA LEU A 147 3.28 -7.55 -1.77
C LEU A 147 2.27 -8.69 -1.67
N ILE A 148 2.46 -9.71 -2.49
CA ILE A 148 1.66 -10.93 -2.44
C ILE A 148 2.48 -12.09 -1.85
N ASP A 149 2.01 -12.63 -0.73
CA ASP A 149 2.53 -13.88 -0.19
C ASP A 149 1.90 -14.96 -1.05
N LEU A 150 2.69 -15.44 -2.01
CA LEU A 150 2.19 -16.31 -3.08
C LEU A 150 1.67 -17.69 -2.63
N ASN A 151 2.17 -18.19 -1.51
CA ASN A 151 1.69 -19.47 -1.00
C ASN A 151 0.44 -19.34 -0.11
N ARG A 152 0.38 -18.26 0.68
CA ARG A 152 -0.76 -18.05 1.58
C ARG A 152 -1.91 -17.23 0.95
N GLY A 153 -1.65 -16.60 -0.19
CA GLY A 153 -2.67 -15.75 -0.87
C GLY A 153 -2.96 -14.45 -0.12
N GLU A 154 -1.97 -13.99 0.65
CA GLU A 154 -2.12 -12.85 1.54
C GLU A 154 -1.35 -11.63 1.02
N LEU A 155 -2.00 -10.47 1.07
CA LEU A 155 -1.41 -9.22 0.60
C LEU A 155 -0.92 -8.38 1.75
N LYS A 156 0.18 -7.70 1.54
CA LYS A 156 0.82 -6.92 2.58
C LYS A 156 1.22 -5.54 2.07
N LEU A 157 0.78 -4.51 2.78
CA LEU A 157 1.15 -3.12 2.54
C LEU A 157 2.59 -2.85 2.92
N ILE A 158 3.30 -2.13 2.06
CA ILE A 158 4.66 -1.66 2.31
C ILE A 158 4.86 -0.17 1.97
N ASP A 159 6.05 0.35 2.31
CA ASP A 159 6.48 1.77 2.21
C ASP A 159 5.53 2.84 2.69
N PHE A 160 5.63 3.07 3.99
CA PHE A 160 4.92 4.08 4.71
C PHE A 160 5.69 5.39 4.75
N GLY A 161 6.71 5.47 3.90
CA GLY A 161 7.62 6.62 3.85
C GLY A 161 7.01 7.92 3.37
N SER A 162 5.82 7.86 2.77
CA SER A 162 5.07 9.08 2.37
C SER A 162 3.86 9.37 3.27
N GLY A 163 3.66 8.56 4.29
CA GLY A 163 2.42 8.62 5.08
C GLY A 163 2.42 9.66 6.17
N ALA A 164 1.40 9.63 7.03
CA ALA A 164 1.26 10.59 8.10
C ALA A 164 0.38 10.02 9.19
N LEU A 165 0.41 10.67 10.36
CA LEU A 165 -0.59 10.39 11.38
C LEU A 165 -1.92 10.78 10.76
N LEU A 166 -2.94 9.95 10.95
CA LEU A 166 -4.29 10.27 10.50
C LEU A 166 -4.82 11.45 11.30
N LYS A 167 -5.52 12.35 10.63
CA LYS A 167 -6.14 13.50 11.27
C LYS A 167 -7.44 13.82 10.54
N ASP A 168 -8.28 14.65 11.15
CA ASP A 168 -9.61 14.94 10.61
C ASP A 168 -9.65 16.27 9.88
N THR A 169 -8.54 16.99 9.92
CA THR A 169 -8.38 18.28 9.25
C THR A 169 -7.69 18.09 7.91
N VAL A 170 -7.53 19.19 7.16
CA VAL A 170 -7.05 19.15 5.78
C VAL A 170 -5.54 18.93 5.75
N TYR A 171 -5.09 18.10 4.80
CA TYR A 171 -3.66 17.97 4.50
C TYR A 171 -3.33 18.94 3.37
N THR A 172 -2.22 19.64 3.52
CA THR A 172 -1.75 20.58 2.51
C THR A 172 -0.39 20.17 1.95
N ASP A 173 0.15 19.03 2.40
CA ASP A 173 1.37 18.42 1.85
C ASP A 173 1.05 17.06 1.26
N PHE A 174 1.84 16.64 0.27
CA PHE A 174 1.74 15.31 -0.34
C PHE A 174 3.02 14.94 -1.11
N ASP A 175 3.50 13.72 -0.93
CA ASP A 175 4.70 13.24 -1.62
C ASP A 175 4.53 11.79 -2.05
N GLY A 176 3.29 11.37 -2.27
CA GLY A 176 3.00 10.04 -2.81
C GLY A 176 2.99 10.07 -4.32
N THR A 177 2.29 9.11 -4.93
CA THR A 177 2.33 8.97 -6.38
C THR A 177 1.25 9.81 -7.04
N ARG A 178 1.68 10.75 -7.90
CA ARG A 178 0.79 11.75 -8.48
C ARG A 178 -0.43 11.18 -9.22
N VAL A 179 -0.18 10.13 -10.02
CA VAL A 179 -1.23 9.49 -10.82
C VAL A 179 -2.27 8.75 -9.97
N TYR A 180 -2.00 8.56 -8.67
CA TYR A 180 -2.98 8.00 -7.73
C TYR A 180 -3.56 9.09 -6.81
N SER A 181 -3.20 10.34 -7.07
CA SER A 181 -3.63 11.46 -6.24
C SER A 181 -4.97 12.06 -6.73
N PRO A 182 -5.81 12.54 -5.78
CA PRO A 182 -7.16 12.96 -6.16
C PRO A 182 -7.18 14.33 -6.85
N PRO A 183 -8.28 14.65 -7.55
CA PRO A 183 -8.36 15.94 -8.25
C PRO A 183 -8.26 17.16 -7.33
N GLU A 184 -8.76 17.02 -6.09
CA GLU A 184 -8.68 18.12 -5.13
C GLU A 184 -7.22 18.44 -4.75
N TRP A 185 -6.32 17.47 -4.77
CA TRP A 185 -4.88 17.73 -4.56
C TRP A 185 -4.31 18.50 -5.77
N ILE A 186 -4.57 17.98 -6.96
CA ILE A 186 -4.14 18.57 -8.22
C ILE A 186 -4.55 20.03 -8.40
N ARG A 187 -5.82 20.31 -8.14
CA ARG A 187 -6.39 21.64 -8.31
C ARG A 187 -6.10 22.61 -7.18
N TYR A 188 -6.13 22.15 -5.93
CA TYR A 188 -6.13 23.06 -4.79
C TYR A 188 -5.00 22.80 -3.79
N HIS A 189 -4.29 21.69 -3.96
CA HIS A 189 -3.28 21.27 -3.01
C HIS A 189 -3.87 21.04 -1.60
N ARG A 190 -5.07 20.49 -1.58
CA ARG A 190 -5.79 20.25 -0.34
C ARG A 190 -6.56 18.94 -0.44
N TYR A 191 -6.49 18.13 0.60
CA TYR A 191 -7.27 16.89 0.61
C TYR A 191 -7.50 16.48 2.06
N HIS A 192 -8.53 15.67 2.26
CA HIS A 192 -8.70 14.98 3.52
C HIS A 192 -8.27 13.52 3.33
N GLY A 193 -7.79 12.92 4.41
CA GLY A 193 -7.07 11.65 4.34
C GLY A 193 -7.88 10.47 3.83
N ARG A 194 -9.07 10.30 4.40
CA ARG A 194 -9.92 9.15 4.08
C ARG A 194 -10.44 9.19 2.66
N SER A 195 -11.01 10.31 2.24
CA SER A 195 -11.53 10.43 0.86
C SER A 195 -10.40 10.38 -0.21
N ALA A 196 -9.21 10.90 0.12
CA ALA A 196 -8.02 10.79 -0.75
C ALA A 196 -7.65 9.32 -0.90
N ALA A 197 -7.65 8.61 0.24
CA ALA A 197 -7.36 7.18 0.25
C ALA A 197 -8.35 6.39 -0.62
N VAL A 198 -9.64 6.72 -0.55
CA VAL A 198 -10.67 6.07 -1.34
C VAL A 198 -10.46 6.30 -2.84
N TRP A 199 -10.14 7.54 -3.22
CA TRP A 199 -9.71 7.83 -4.59
C TRP A 199 -8.57 6.91 -5.06
N SER A 200 -7.48 6.82 -4.29
CA SER A 200 -6.35 5.96 -4.62
C SER A 200 -6.77 4.49 -4.76
N LEU A 201 -7.76 4.10 -3.97
CA LEU A 201 -8.30 2.72 -4.00
C LEU A 201 -9.08 2.43 -5.30
N GLY A 202 -9.84 3.42 -5.77
CA GLY A 202 -10.47 3.37 -7.11
C GLY A 202 -9.48 3.24 -8.26
N ILE A 203 -8.37 3.97 -8.19
CA ILE A 203 -7.28 3.84 -9.19
C ILE A 203 -6.71 2.42 -9.16
N LEU A 204 -6.39 1.95 -7.95
CA LEU A 204 -5.90 0.58 -7.76
C LEU A 204 -6.89 -0.49 -8.28
N LEU A 205 -8.17 -0.34 -7.95
CA LEU A 205 -9.16 -1.29 -8.42
C LEU A 205 -9.20 -1.33 -9.95
N TYR A 206 -9.26 -0.17 -10.60
CA TYR A 206 -9.22 -0.07 -12.05
C TYR A 206 -7.96 -0.75 -12.59
N ASP A 207 -6.83 -0.45 -11.96
CA ASP A 207 -5.55 -1.03 -12.29
C ASP A 207 -5.60 -2.57 -12.30
N MET A 208 -6.16 -3.16 -11.26
CA MET A 208 -6.36 -4.59 -11.20
C MET A 208 -7.22 -5.18 -12.32
N VAL A 209 -8.40 -4.63 -12.56
CA VAL A 209 -9.32 -5.25 -13.53
C VAL A 209 -9.02 -4.86 -14.98
N CYS A 210 -8.23 -3.81 -15.18
CA CYS A 210 -7.89 -3.38 -16.54
C CYS A 210 -6.44 -3.59 -16.94
N GLY A 211 -5.56 -3.83 -15.97
CA GLY A 211 -4.13 -4.06 -16.26
C GLY A 211 -3.26 -2.80 -16.40
N ASP A 212 -3.89 -1.63 -16.21
CA ASP A 212 -3.17 -0.34 -16.13
C ASP A 212 -4.07 0.67 -15.39
N ILE A 213 -3.47 1.79 -14.97
CA ILE A 213 -4.17 2.88 -14.30
C ILE A 213 -4.99 3.69 -15.31
N PRO A 214 -6.08 4.35 -14.85
CA PRO A 214 -6.98 5.01 -15.82
C PRO A 214 -6.50 6.39 -16.32
N PHE A 215 -5.69 7.06 -15.51
CA PHE A 215 -5.26 8.42 -15.78
C PHE A 215 -3.74 8.50 -15.81
N GLU A 216 -3.19 9.29 -16.72
CA GLU A 216 -1.75 9.54 -16.73
C GLU A 216 -1.47 11.03 -16.53
N HIS A 217 -2.37 11.88 -17.02
CA HIS A 217 -2.14 13.33 -16.99
C HIS A 217 -3.08 14.04 -16.02
N ASP A 218 -2.63 15.18 -15.53
CA ASP A 218 -3.39 16.03 -14.60
C ASP A 218 -4.81 16.30 -15.09
N GLU A 219 -4.93 16.58 -16.38
CA GLU A 219 -6.22 16.96 -16.97
C GLU A 219 -7.18 15.79 -16.99
N GLU A 220 -6.66 14.59 -17.16
CA GLU A 220 -7.48 13.36 -17.02
C GLU A 220 -8.02 13.19 -15.60
N ILE A 221 -7.16 13.45 -14.62
CA ILE A 221 -7.51 13.34 -13.21
C ILE A 221 -8.63 14.31 -12.85
N ILE A 222 -8.43 15.58 -13.24
CA ILE A 222 -9.40 16.66 -13.01
C ILE A 222 -10.74 16.41 -13.72
N ARG A 223 -10.69 15.83 -14.91
CA ARG A 223 -11.93 15.54 -15.65
C ARG A 223 -12.69 14.39 -15.00
N GLY A 224 -11.95 13.38 -14.56
CA GLY A 224 -12.51 12.25 -13.81
C GLY A 224 -13.37 11.30 -14.63
N GLN A 225 -13.22 11.36 -15.94
CA GLN A 225 -13.98 10.55 -16.88
C GLN A 225 -13.27 9.19 -17.06
N VAL A 226 -13.94 8.12 -16.65
CA VAL A 226 -13.35 6.78 -16.65
C VAL A 226 -13.74 6.01 -17.92
N PHE A 227 -12.75 5.56 -18.67
CA PHE A 227 -12.97 4.70 -19.84
C PHE A 227 -12.43 3.32 -19.54
N PHE A 228 -13.29 2.30 -19.64
CA PHE A 228 -12.87 0.93 -19.45
C PHE A 228 -12.37 0.31 -20.72
N ARG A 229 -11.10 -0.09 -20.70
CA ARG A 229 -10.37 -0.62 -21.84
C ARG A 229 -10.48 -2.15 -21.91
N GLN A 230 -10.91 -2.75 -20.81
CA GLN A 230 -11.12 -4.18 -20.73
C GLN A 230 -12.58 -4.43 -20.39
N ARG A 231 -13.06 -5.64 -20.65
CA ARG A 231 -14.39 -6.04 -20.21
C ARG A 231 -14.43 -6.21 -18.68
N VAL A 232 -15.28 -5.39 -18.06
CA VAL A 232 -15.46 -5.31 -16.62
C VAL A 232 -16.97 -5.27 -16.33
N SER A 233 -17.42 -6.07 -15.36
CA SER A 233 -18.83 -6.10 -14.99
C SER A 233 -19.35 -4.71 -14.58
N SER A 234 -20.63 -4.48 -14.79
CA SER A 234 -21.27 -3.22 -14.41
C SER A 234 -21.16 -2.89 -12.93
N GLU A 235 -21.22 -3.90 -12.08
CA GLU A 235 -21.04 -3.74 -10.62
C GLU A 235 -19.66 -3.21 -10.26
N CYS A 236 -18.63 -3.77 -10.91
CA CYS A 236 -17.27 -3.33 -10.69
C CYS A 236 -17.04 -1.92 -11.22
N GLN A 237 -17.50 -1.65 -12.45
CA GLN A 237 -17.48 -0.30 -13.00
C GLN A 237 -18.12 0.73 -12.05
N HIS A 238 -19.29 0.39 -11.50
CA HIS A 238 -20.01 1.29 -10.59
C HIS A 238 -19.19 1.61 -9.33
N LEU A 239 -18.63 0.59 -8.67
CA LEU A 239 -17.78 0.77 -7.51
C LEU A 239 -16.58 1.66 -7.85
N ILE A 240 -15.92 1.34 -8.96
CA ILE A 240 -14.79 2.14 -9.41
C ILE A 240 -15.20 3.60 -9.62
N ARG A 241 -16.27 3.81 -10.38
CA ARG A 241 -16.78 5.17 -10.67
C ARG A 241 -17.18 5.91 -9.38
N TRP A 242 -17.70 5.17 -8.42
CA TRP A 242 -18.06 5.72 -7.10
C TRP A 242 -16.82 6.20 -6.32
N CYS A 243 -15.80 5.34 -6.22
CA CYS A 243 -14.49 5.69 -5.60
C CYS A 243 -13.81 6.90 -6.24
N LEU A 244 -14.03 7.06 -7.54
CA LEU A 244 -13.41 8.12 -8.35
C LEU A 244 -14.31 9.33 -8.53
N ALA A 245 -15.32 9.47 -7.67
CA ALA A 245 -16.19 10.64 -7.66
C ALA A 245 -15.30 11.87 -7.54
N LEU A 246 -15.58 12.88 -8.36
CA LEU A 246 -14.83 14.13 -8.35
C LEU A 246 -14.93 14.88 -7.01
N ARG A 247 -16.14 14.94 -6.44
CA ARG A 247 -16.34 15.56 -5.12
C ARG A 247 -15.97 14.55 -4.02
N PRO A 248 -15.01 14.91 -3.13
CA PRO A 248 -14.60 14.02 -2.01
C PRO A 248 -15.76 13.45 -1.17
N SER A 249 -16.79 14.25 -0.91
CA SER A 249 -17.96 13.81 -0.13
C SER A 249 -18.90 12.87 -0.88
N ASP A 250 -18.80 12.83 -2.21
CA ASP A 250 -19.55 11.87 -3.04
C ASP A 250 -18.92 10.46 -3.09
N ARG A 251 -17.71 10.32 -2.54
CA ARG A 251 -17.00 9.05 -2.50
C ARG A 251 -17.50 8.13 -1.38
N PRO A 252 -17.45 6.80 -1.59
CA PRO A 252 -17.93 5.88 -0.56
C PRO A 252 -16.99 5.82 0.65
N THR A 253 -17.55 5.46 1.81
CA THR A 253 -16.78 5.16 3.02
C THR A 253 -16.21 3.76 2.84
N PHE A 254 -15.29 3.36 3.72
CA PHE A 254 -14.81 1.97 3.70
C PHE A 254 -15.94 0.94 3.87
N GLU A 255 -16.86 1.24 4.80
CA GLU A 255 -18.04 0.39 5.03
C GLU A 255 -18.89 0.29 3.76
N GLU A 256 -19.14 1.41 3.10
CA GLU A 256 -19.88 1.43 1.84
C GLU A 256 -19.21 0.64 0.71
N ILE A 257 -17.88 0.73 0.62
CA ILE A 257 -17.12 -0.09 -0.33
C ILE A 257 -17.30 -1.58 -0.02
N GLN A 258 -17.01 -2.00 1.22
CA GLN A 258 -17.11 -3.42 1.58
C GLN A 258 -18.54 -4.01 1.57
N ASN A 259 -19.54 -3.14 1.67
CA ASN A 259 -20.94 -3.56 1.54
C ASN A 259 -21.47 -3.54 0.10
N HIS A 260 -20.67 -3.00 -0.83
CA HIS A 260 -21.07 -2.93 -2.22
C HIS A 260 -21.32 -4.34 -2.75
N PRO A 261 -22.32 -4.51 -3.65
CA PRO A 261 -22.61 -5.82 -4.24
C PRO A 261 -21.41 -6.46 -4.95
N TRP A 262 -20.55 -5.68 -5.61
CA TRP A 262 -19.38 -6.29 -6.25
C TRP A 262 -18.47 -6.98 -5.23
N MET A 263 -18.48 -6.51 -3.99
CA MET A 263 -17.59 -7.06 -2.93
C MET A 263 -18.09 -8.30 -2.18
N GLN A 264 -19.29 -8.79 -2.49
CA GLN A 264 -19.87 -9.87 -1.70
C GLN A 264 -19.23 -11.23 -2.05
N ASP A 265 -19.25 -12.15 -1.08
CA ASP A 265 -18.75 -13.53 -1.27
C ASP A 265 -17.28 -13.66 -1.67
N VAL A 266 -16.42 -12.86 -1.03
CA VAL A 266 -14.99 -12.89 -1.28
C VAL A 266 -14.35 -14.26 -0.96
N LEU A 267 -13.35 -14.65 -1.73
CA LEU A 267 -12.55 -15.84 -1.43
C LEU A 267 -11.71 -15.62 -0.20
N LEU A 268 -11.57 -16.68 0.61
CA LEU A 268 -10.53 -16.71 1.65
C LEU A 268 -9.14 -16.61 0.98
N PRO A 269 -8.13 -16.07 1.70
CA PRO A 269 -6.75 -16.02 1.17
C PRO A 269 -6.20 -17.35 0.63
N GLN A 270 -6.36 -18.43 1.39
CA GLN A 270 -5.84 -19.73 0.97
C GLN A 270 -6.61 -20.26 -0.25
N GLU A 271 -7.94 -20.13 -0.25
CA GLU A 271 -8.75 -20.38 -1.45
C GLU A 271 -8.19 -19.64 -2.66
N THR A 272 -7.82 -18.37 -2.44
CA THR A 272 -7.27 -17.50 -3.47
C THR A 272 -5.94 -18.05 -4.02
N ALA A 273 -5.04 -18.46 -3.12
CA ALA A 273 -3.75 -19.00 -3.54
C ALA A 273 -3.94 -20.31 -4.30
N GLU A 274 -4.80 -21.18 -3.79
CA GLU A 274 -5.05 -22.48 -4.40
C GLU A 274 -5.67 -22.37 -5.80
N ILE A 275 -6.59 -21.42 -5.99
CA ILE A 275 -7.24 -21.21 -7.27
C ILE A 275 -6.38 -20.42 -8.28
N HIS A 276 -5.76 -19.34 -7.81
CA HIS A 276 -5.18 -18.33 -8.71
C HIS A 276 -3.66 -18.23 -8.68
N LEU A 277 -3.05 -18.66 -7.57
CA LEU A 277 -1.60 -18.61 -7.40
C LEU A 277 -1.06 -20.05 -7.43
N HIS A 278 -1.99 -20.98 -7.67
CA HIS A 278 -1.77 -22.42 -7.95
C HIS A 278 -1.15 -23.31 -6.83
N SER A 279 -1.43 -22.96 -5.58
CA SER A 279 -1.13 -23.83 -4.43
C SER A 279 -2.02 -25.09 -4.43
C1 LWG B . 9.63 -2.28 1.59
N1 LWG B . 9.87 -1.43 0.55
O1 LWG B . 9.31 -1.96 2.72
S1 LWG B . 9.59 -4.95 2.17
CL1 LWG B . 9.58 -8.08 2.59
C2 LWG B . 10.22 -1.84 -0.71
N2 LWG B . 10.39 -3.06 -1.13
CL2 LWG B . 10.99 -5.34 -2.87
C3 LWG B . 10.17 -3.99 -0.12
C4 LWG B . 9.81 -3.61 1.14
C5 LWG B . 9.98 -6.05 0.91
C6 LWG B . 9.99 -7.41 1.06
C7 LWG B . 10.32 -8.16 -0.05
C8 LWG B . 10.62 -7.54 -1.25
C9 LWG B . 10.61 -6.17 -1.39
C10 LWG B . 10.28 -5.40 -0.29
#